data_1Q0T
#
_entry.id   1Q0T
#
_cell.length_a   39.7
_cell.length_b   109.7
_cell.length_c   73.6
_cell.angle_alpha   90.0
_cell.angle_beta   104.2
_cell.angle_gamma   90.0
#
_symmetry.space_group_name_H-M   'P 1 21 1'
#
loop_
_entity.id
_entity.type
_entity.pdbx_description
1 polymer "5'-D(*AP*CP*AP*GP*GP*AP*TP*CP*CP*TP*GP*T)-3'"
2 polymer 'DNA adenine methylase'
3 non-polymer 'IODIDE ION'
4 non-polymer S-ADENOSYL-L-HOMOCYSTEINE
#
loop_
_entity_poly.entity_id
_entity_poly.type
_entity_poly.pdbx_seq_one_letter_code
_entity_poly.pdbx_strand_id
1 'polydeoxyribonucleotide' (DA)(DC)(DA)(DG)(DG)(DA)(DT)(DC)(DC)(DT)(DG)(DT) C,D
2 'polypeptide(L)'
;MLGAIAYTGNKQSLLPELKSHFPKYNRFVDLFCGGLSVSLNVNGPVLANDIQEPIIEMYKRLINVSWDDVLKVIKQYKLS
KTSKEEFLKLREDYNKTRDPLLLYVLHFHGFSNMIRINDKGNFTTPFGKRTINKNSEKQYNHFKQNCDKIIFSSLHFKDV
KILDGDFVYVDPPYLITVADYNKFWSEDEEKDLLNLLDSLNDRGIKFGQSNVLEHHGKENTLLKEWSKKYNVKHLNKKYV
FNIYHSKEKNGTDEVYIFN
;
A,B
#
# COMPACT_ATOMS: atom_id res chain seq x y z
N MET C 1 -17.90 -9.81 -12.64
CA MET C 1 -16.46 -9.54 -12.92
C MET C 1 -16.14 -8.04 -12.91
N LEU C 2 -15.44 -7.58 -13.95
CA LEU C 2 -15.03 -6.18 -14.05
C LEU C 2 -16.13 -5.18 -14.39
N GLY C 3 -16.26 -4.15 -13.56
CA GLY C 3 -17.28 -3.14 -13.78
C GLY C 3 -16.79 -2.07 -14.75
N ALA C 4 -17.61 -1.03 -14.97
CA ALA C 4 -17.22 0.03 -15.90
C ALA C 4 -16.37 1.09 -15.21
N ILE C 5 -16.69 1.37 -13.95
CA ILE C 5 -15.97 2.38 -13.17
C ILE C 5 -15.97 1.99 -11.70
N ALA C 6 -14.93 2.42 -10.98
CA ALA C 6 -14.86 2.11 -9.56
C ALA C 6 -16.14 2.66 -8.96
N TYR C 7 -16.90 1.79 -8.32
CA TYR C 7 -18.16 2.21 -7.71
C TYR C 7 -18.32 1.65 -6.31
N THR C 8 -18.46 2.53 -5.34
CA THR C 8 -18.65 2.14 -3.95
C THR C 8 -19.77 1.10 -3.86
N GLY C 9 -19.42 -0.10 -3.41
CA GLY C 9 -20.43 -1.12 -3.29
C GLY C 9 -20.69 -1.82 -4.59
N ASN C 10 -19.67 -1.90 -5.42
CA ASN C 10 -19.82 -2.59 -6.70
C ASN C 10 -20.16 -4.05 -6.37
N LYS C 11 -20.40 -4.85 -7.39
CA LYS C 11 -20.71 -6.27 -7.19
C LYS C 11 -19.73 -7.08 -8.00
N GLN C 12 -18.53 -6.55 -8.13
CA GLN C 12 -17.49 -7.21 -8.90
C GLN C 12 -17.14 -8.57 -8.31
N SER C 13 -17.44 -8.76 -7.04
CA SER C 13 -17.13 -10.02 -6.37
C SER C 13 -18.31 -10.97 -6.17
N LEU C 14 -19.43 -10.45 -5.68
CA LEU C 14 -20.58 -11.30 -5.42
C LEU C 14 -21.27 -11.79 -6.69
N LEU C 15 -21.31 -10.95 -7.71
CA LEU C 15 -21.96 -11.31 -8.97
C LEU C 15 -21.96 -12.81 -9.24
N PRO C 16 -20.76 -13.44 -9.33
CA PRO C 16 -20.76 -14.87 -9.58
C PRO C 16 -21.82 -15.60 -8.72
N GLU C 17 -21.67 -15.47 -7.39
CA GLU C 17 -22.62 -16.09 -6.47
C GLU C 17 -24.03 -15.80 -6.93
N LEU C 18 -24.35 -14.51 -6.97
CA LEU C 18 -25.68 -14.07 -7.37
C LEU C 18 -26.12 -14.76 -8.67
N LYS C 19 -25.21 -14.87 -9.64
CA LYS C 19 -25.53 -15.49 -10.91
C LYS C 19 -25.93 -16.96 -10.74
N SER C 20 -25.49 -17.54 -9.62
CA SER C 20 -25.81 -18.94 -9.32
C SER C 20 -27.26 -19.04 -8.85
N HIS C 21 -27.88 -17.89 -8.60
CA HIS C 21 -29.26 -17.85 -8.15
C HIS C 21 -30.21 -17.11 -9.09
N PHE C 22 -29.81 -16.91 -10.34
CA PHE C 22 -30.67 -16.20 -11.27
C PHE C 22 -31.47 -17.14 -12.18
N PRO C 23 -32.62 -16.68 -12.68
CA PRO C 23 -33.54 -17.40 -13.57
C PRO C 23 -33.33 -16.99 -15.03
N LYS C 24 -34.27 -17.39 -15.90
CA LYS C 24 -34.21 -17.01 -17.32
C LYS C 24 -34.99 -15.71 -17.36
N TYR C 25 -34.96 -15.02 -18.49
CA TYR C 25 -35.68 -13.74 -18.63
C TYR C 25 -35.48 -13.13 -20.00
N ASN C 26 -36.52 -12.49 -20.52
CA ASN C 26 -36.45 -11.86 -21.83
C ASN C 26 -35.67 -10.55 -21.74
N ARG C 27 -35.54 -10.00 -20.53
CA ARG C 27 -34.81 -8.74 -20.36
C ARG C 27 -34.32 -8.51 -18.95
N PHE C 28 -33.00 -8.29 -18.80
CA PHE C 28 -32.44 -8.03 -17.48
C PHE C 28 -32.63 -6.56 -17.19
N VAL C 29 -33.34 -6.25 -16.12
CA VAL C 29 -33.54 -4.86 -15.79
C VAL C 29 -32.84 -4.53 -14.47
N ASP C 30 -31.65 -3.95 -14.61
CA ASP C 30 -30.82 -3.55 -13.48
C ASP C 30 -31.40 -2.22 -13.03
N LEU C 31 -32.18 -2.23 -11.94
CA LEU C 31 -32.79 -0.99 -11.45
C LEU C 31 -31.77 -0.02 -10.87
N PHE C 32 -30.71 -0.55 -10.29
CA PHE C 32 -29.66 0.30 -9.74
C PHE C 32 -28.38 -0.28 -10.30
N CYS C 33 -27.89 0.36 -11.36
CA CYS C 33 -26.69 -0.10 -12.04
C CYS C 33 -25.40 0.57 -11.60
N GLY C 34 -25.49 1.83 -11.22
CA GLY C 34 -24.29 2.54 -10.80
C GLY C 34 -23.06 2.16 -11.60
N GLY C 35 -22.09 1.54 -10.92
CA GLY C 35 -20.85 1.14 -11.58
C GLY C 35 -20.99 0.35 -12.85
N LEU C 36 -22.02 -0.50 -12.90
CA LEU C 36 -22.33 -1.35 -14.06
C LEU C 36 -21.69 -2.74 -14.00
N SER C 37 -20.96 -3.01 -12.93
CA SER C 37 -20.31 -4.30 -12.78
C SER C 37 -21.31 -5.42 -12.98
N VAL C 38 -22.59 -5.13 -12.79
CA VAL C 38 -23.62 -6.15 -12.94
C VAL C 38 -24.21 -6.24 -14.34
N SER C 39 -24.50 -5.08 -14.93
CA SER C 39 -25.08 -5.03 -16.26
C SER C 39 -24.16 -5.62 -17.32
N LEU C 40 -22.96 -5.07 -17.43
CA LEU C 40 -22.01 -5.53 -18.43
C LEU C 40 -21.80 -7.03 -18.40
N ASN C 41 -21.92 -7.61 -17.22
CA ASN C 41 -21.65 -9.03 -17.09
C ASN C 41 -22.81 -10.00 -16.99
N VAL C 42 -23.98 -9.65 -17.52
CA VAL C 42 -25.12 -10.55 -17.46
C VAL C 42 -25.80 -10.64 -18.83
N ASN C 43 -25.97 -11.85 -19.38
CA ASN C 43 -26.61 -12.00 -20.68
C ASN C 43 -27.76 -11.01 -20.86
N GLY C 44 -27.79 -10.34 -22.00
CA GLY C 44 -28.83 -9.35 -22.24
C GLY C 44 -30.12 -9.94 -22.76
N PRO C 45 -31.06 -9.08 -23.21
CA PRO C 45 -30.92 -7.62 -23.26
C PRO C 45 -30.96 -7.05 -21.86
N VAL C 46 -30.26 -5.94 -21.63
CA VAL C 46 -30.22 -5.34 -20.30
C VAL C 46 -30.72 -3.90 -20.28
N LEU C 47 -31.47 -3.56 -19.24
CA LEU C 47 -31.92 -2.20 -19.10
C LEU C 47 -31.15 -1.64 -17.91
N ALA C 48 -30.03 -0.99 -18.20
CA ALA C 48 -29.23 -0.41 -17.14
C ALA C 48 -29.92 0.86 -16.71
N ASN C 49 -30.24 0.95 -15.43
CA ASN C 49 -30.90 2.17 -14.94
C ASN C 49 -30.30 2.70 -13.65
N ASP C 50 -30.31 4.00 -13.53
CA ASP C 50 -29.80 4.62 -12.33
C ASP C 50 -30.43 6.00 -12.30
N ILE C 51 -30.82 6.42 -11.10
CA ILE C 51 -31.47 7.71 -10.91
C ILE C 51 -30.51 8.90 -11.04
N GLN C 52 -29.29 8.66 -11.53
CA GLN C 52 -28.35 9.77 -11.67
C GLN C 52 -28.03 10.04 -13.13
N GLU C 53 -28.81 10.92 -13.76
CA GLU C 53 -28.58 11.20 -15.17
C GLU C 53 -27.09 11.43 -15.50
N PRO C 54 -26.36 12.24 -14.72
CA PRO C 54 -24.94 12.51 -14.96
C PRO C 54 -24.10 11.28 -15.35
N ILE C 55 -24.15 10.29 -14.50
CA ILE C 55 -23.38 9.08 -14.72
C ILE C 55 -23.96 8.22 -15.83
N ILE C 56 -25.25 8.31 -16.05
CA ILE C 56 -25.85 7.53 -17.11
C ILE C 56 -25.44 8.17 -18.43
N GLU C 57 -25.49 9.50 -18.45
CA GLU C 57 -25.10 10.28 -19.62
C GLU C 57 -23.70 9.88 -20.00
N MET C 58 -22.81 9.97 -19.02
CA MET C 58 -21.41 9.60 -19.20
C MET C 58 -21.35 8.24 -19.90
N TYR C 59 -22.22 7.33 -19.46
CA TYR C 59 -22.26 6.02 -20.06
C TYR C 59 -22.71 6.17 -21.50
N LYS C 60 -23.79 6.90 -21.70
CA LYS C 60 -24.34 7.10 -23.03
C LYS C 60 -23.30 7.66 -24.01
N ARG C 61 -22.43 8.52 -23.51
CA ARG C 61 -21.39 9.09 -24.36
C ARG C 61 -20.26 8.10 -24.52
N LEU C 62 -19.86 7.49 -23.41
CA LEU C 62 -18.79 6.52 -23.45
C LEU C 62 -19.01 5.58 -24.64
N ILE C 63 -20.28 5.37 -24.95
CA ILE C 63 -20.64 4.49 -26.04
C ILE C 63 -19.81 4.77 -27.29
N ASN C 64 -19.88 5.99 -27.81
CA ASN C 64 -19.10 6.33 -29.00
C ASN C 64 -17.90 7.23 -28.66
N VAL C 65 -16.95 6.64 -27.96
CA VAL C 65 -15.72 7.30 -27.56
C VAL C 65 -14.60 6.26 -27.57
N SER C 66 -13.38 6.69 -27.87
CA SER C 66 -12.24 5.78 -27.90
C SER C 66 -11.29 6.12 -26.75
N TRP C 67 -10.37 5.21 -26.46
CA TRP C 67 -9.44 5.46 -25.37
C TRP C 67 -8.67 6.68 -25.77
N ASP C 68 -8.29 6.72 -27.03
CA ASP C 68 -7.51 7.83 -27.52
C ASP C 68 -8.20 9.11 -27.18
N ASP C 69 -9.52 9.09 -27.28
CA ASP C 69 -10.31 10.26 -26.95
C ASP C 69 -10.01 10.69 -25.52
N VAL C 70 -10.09 9.74 -24.59
CA VAL C 70 -9.82 10.04 -23.20
C VAL C 70 -8.45 10.71 -23.03
N LEU C 71 -7.41 10.06 -23.55
CA LEU C 71 -6.06 10.59 -23.45
C LEU C 71 -5.94 12.03 -23.95
N LYS C 72 -6.52 12.31 -25.10
CA LYS C 72 -6.46 13.66 -25.67
C LYS C 72 -6.94 14.70 -24.67
N VAL C 73 -7.80 14.30 -23.75
CA VAL C 73 -8.30 15.20 -22.74
C VAL C 73 -7.26 15.36 -21.63
N ILE C 74 -6.65 14.25 -21.23
CA ILE C 74 -5.64 14.31 -20.19
C ILE C 74 -4.49 15.20 -20.62
N LYS C 75 -4.07 15.05 -21.87
CA LYS C 75 -2.97 15.86 -22.38
C LYS C 75 -3.45 17.28 -22.61
N GLN C 76 -4.73 17.44 -22.91
CA GLN C 76 -5.29 18.77 -23.16
C GLN C 76 -5.23 19.63 -21.91
N TYR C 77 -5.47 19.01 -20.75
CA TYR C 77 -5.42 19.72 -19.48
C TYR C 77 -4.13 19.51 -18.71
N LYS C 78 -3.22 18.70 -19.24
CA LYS C 78 -1.97 18.44 -18.55
C LYS C 78 -2.24 17.82 -17.18
N LEU C 79 -3.06 16.79 -17.16
CA LEU C 79 -3.40 16.11 -15.93
C LEU C 79 -2.27 15.13 -15.53
N SER C 80 -2.22 14.75 -14.25
CA SER C 80 -1.22 13.82 -13.75
C SER C 80 -1.42 13.57 -12.26
N LYS C 81 -0.52 12.77 -11.68
CA LYS C 81 -0.56 12.41 -10.25
C LYS C 81 -0.56 13.60 -9.30
N THR C 82 0.05 14.69 -9.76
CA THR C 82 0.21 15.88 -8.94
C THR C 82 -0.50 17.15 -9.44
N SER C 83 -0.98 17.11 -10.68
CA SER C 83 -1.65 18.26 -11.26
C SER C 83 -2.92 18.55 -10.46
N LYS C 84 -2.83 19.51 -9.54
CA LYS C 84 -3.97 19.88 -8.70
C LYS C 84 -4.80 21.00 -9.32
N GLU C 85 -4.13 22.04 -9.81
CA GLU C 85 -4.86 23.15 -10.42
C GLU C 85 -5.67 22.62 -11.58
N GLU C 86 -4.97 21.93 -12.47
CA GLU C 86 -5.57 21.38 -13.67
C GLU C 86 -6.85 20.67 -13.34
N PHE C 87 -6.77 19.74 -12.40
CA PHE C 87 -7.95 18.98 -11.99
C PHE C 87 -9.07 19.98 -11.69
N LEU C 88 -8.75 20.97 -10.87
CA LEU C 88 -9.73 21.98 -10.51
C LEU C 88 -10.29 22.54 -11.79
N LYS C 89 -9.43 23.05 -12.65
CA LYS C 89 -9.89 23.61 -13.91
C LYS C 89 -10.74 22.61 -14.68
N LEU C 90 -10.28 21.36 -14.77
CA LEU C 90 -11.04 20.36 -15.48
C LEU C 90 -12.40 20.27 -14.84
N ARG C 91 -12.39 20.21 -13.51
CA ARG C 91 -13.65 20.13 -12.77
C ARG C 91 -14.44 21.40 -13.09
N GLU C 92 -13.76 22.53 -12.97
CA GLU C 92 -14.33 23.84 -13.25
C GLU C 92 -15.12 23.76 -14.55
N ASP C 93 -14.47 23.30 -15.62
CA ASP C 93 -15.08 23.18 -16.94
C ASP C 93 -16.26 22.23 -17.00
N TYR C 94 -16.12 21.08 -16.38
CA TYR C 94 -17.22 20.13 -16.43
C TYR C 94 -18.45 20.71 -15.78
N ASN C 95 -18.24 21.44 -14.70
CA ASN C 95 -19.35 22.04 -14.00
C ASN C 95 -20.08 22.99 -14.94
N LYS C 96 -19.34 23.88 -15.60
CA LYS C 96 -19.96 24.84 -16.51
C LYS C 96 -20.56 24.19 -17.77
N THR C 97 -19.75 23.45 -18.53
CA THR C 97 -20.21 22.82 -19.77
C THR C 97 -21.01 21.52 -19.63
N ARG C 98 -20.81 20.82 -18.53
CA ARG C 98 -21.50 19.54 -18.31
C ARG C 98 -21.31 18.51 -19.45
N ASP C 99 -20.11 18.39 -20.00
CA ASP C 99 -19.83 17.41 -21.06
C ASP C 99 -19.53 16.09 -20.37
N PRO C 100 -20.30 15.04 -20.66
CA PRO C 100 -20.06 13.73 -20.03
C PRO C 100 -18.58 13.34 -20.02
N LEU C 101 -18.02 13.22 -21.23
CA LEU C 101 -16.63 12.83 -21.37
C LEU C 101 -15.74 13.54 -20.35
N LEU C 102 -15.98 14.82 -20.14
CA LEU C 102 -15.20 15.56 -19.17
C LEU C 102 -15.32 14.88 -17.84
N LEU C 103 -16.56 14.59 -17.44
CA LEU C 103 -16.85 13.93 -16.17
C LEU C 103 -16.09 12.63 -16.14
N TYR C 104 -16.19 11.90 -17.22
CA TYR C 104 -15.51 10.63 -17.30
C TYR C 104 -14.02 10.80 -16.99
N VAL C 105 -13.36 11.64 -17.78
CA VAL C 105 -11.94 11.86 -17.60
C VAL C 105 -11.74 12.35 -16.18
N LEU C 106 -12.70 13.13 -15.69
CA LEU C 106 -12.62 13.67 -14.36
C LEU C 106 -12.37 12.62 -13.28
N HIS C 107 -13.40 11.88 -12.93
CA HIS C 107 -13.33 10.90 -11.86
C HIS C 107 -12.01 10.14 -11.72
N PHE C 108 -11.39 9.73 -12.82
CA PHE C 108 -10.11 9.02 -12.73
C PHE C 108 -9.12 9.79 -11.88
N HIS C 109 -9.35 11.10 -11.69
CA HIS C 109 -8.45 11.96 -10.91
C HIS C 109 -9.02 12.39 -9.57
N GLY C 110 -10.29 12.07 -9.33
CA GLY C 110 -10.93 12.44 -8.08
C GLY C 110 -10.47 11.61 -6.90
N PHE C 111 -10.62 12.16 -5.69
CA PHE C 111 -10.21 11.46 -4.47
C PHE C 111 -10.93 10.12 -4.38
N SER C 112 -10.19 9.07 -4.70
CA SER C 112 -10.65 7.69 -4.70
C SER C 112 -11.60 7.40 -5.85
N ASN C 113 -11.35 8.04 -7.00
CA ASN C 113 -12.15 7.85 -8.19
C ASN C 113 -13.67 8.00 -7.93
N MET C 114 -14.04 8.68 -6.85
CA MET C 114 -15.46 8.79 -6.55
C MET C 114 -16.16 9.96 -7.20
N ILE C 115 -17.23 9.66 -7.95
CA ILE C 115 -18.04 10.69 -8.60
C ILE C 115 -19.01 11.14 -7.53
N ARG C 116 -18.98 12.43 -7.21
CA ARG C 116 -19.87 12.99 -6.20
C ARG C 116 -20.51 14.22 -6.78
N ILE C 117 -21.76 14.05 -7.20
CA ILE C 117 -22.52 15.13 -7.81
C ILE C 117 -23.53 15.71 -6.82
N ASN C 118 -23.34 16.96 -6.41
CA ASN C 118 -24.26 17.57 -5.44
C ASN C 118 -25.61 17.88 -6.07
N ASP C 119 -26.47 18.54 -5.30
CA ASP C 119 -27.81 18.88 -5.76
C ASP C 119 -27.92 20.04 -6.75
N LYS C 120 -26.79 20.54 -7.23
CA LYS C 120 -26.80 21.63 -8.20
C LYS C 120 -26.11 21.20 -9.49
N GLY C 121 -25.89 19.90 -9.64
CA GLY C 121 -25.24 19.37 -10.82
C GLY C 121 -23.73 19.45 -10.81
N ASN C 122 -23.17 20.05 -9.78
CA ASN C 122 -21.72 20.20 -9.70
C ASN C 122 -20.98 19.02 -9.08
N PHE C 123 -19.78 18.79 -9.61
CA PHE C 123 -18.86 17.73 -9.20
C PHE C 123 -18.07 18.30 -8.03
N THR C 124 -18.19 17.69 -6.87
CA THR C 124 -17.49 18.21 -5.69
C THR C 124 -16.28 17.42 -5.17
N THR C 125 -16.12 16.18 -5.65
CA THR C 125 -15.00 15.34 -5.22
C THR C 125 -13.68 16.09 -5.29
N PRO C 126 -12.85 16.01 -4.24
CA PRO C 126 -11.56 16.70 -4.25
C PRO C 126 -10.54 15.97 -5.09
N PHE C 127 -9.44 16.63 -5.41
CA PHE C 127 -8.39 16.00 -6.20
C PHE C 127 -7.89 14.75 -5.49
N GLY C 128 -7.76 13.65 -6.26
CA GLY C 128 -7.33 12.38 -5.68
C GLY C 128 -5.82 12.12 -5.67
N LYS C 129 -5.04 13.11 -6.10
CA LYS C 129 -3.60 12.95 -6.14
C LYS C 129 -3.31 11.63 -6.84
N ARG C 130 -3.94 11.48 -8.00
CA ARG C 130 -3.84 10.29 -8.83
C ARG C 130 -4.13 10.61 -10.29
N THR C 131 -4.27 9.57 -11.08
CA THR C 131 -4.60 9.69 -12.50
C THR C 131 -5.00 8.31 -12.99
N ILE C 132 -4.81 8.01 -14.26
CA ILE C 132 -5.21 6.71 -14.71
C ILE C 132 -4.17 5.63 -14.52
N ASN C 133 -4.61 4.46 -14.00
CA ASN C 133 -3.74 3.31 -13.78
C ASN C 133 -4.00 2.34 -14.93
N LYS C 134 -3.81 1.05 -14.67
CA LYS C 134 -4.03 0.09 -15.72
C LYS C 134 -5.41 -0.57 -15.64
N ASN C 135 -6.13 -0.29 -14.56
CA ASN C 135 -7.48 -0.80 -14.38
C ASN C 135 -8.36 0.16 -15.16
N SER C 136 -7.82 1.35 -15.38
CA SER C 136 -8.56 2.38 -16.07
C SER C 136 -8.88 1.93 -17.49
N GLU C 137 -7.87 1.53 -18.24
CA GLU C 137 -8.14 1.13 -19.61
C GLU C 137 -8.87 -0.22 -19.71
N LYS C 138 -8.57 -1.11 -18.77
CA LYS C 138 -9.20 -2.42 -18.74
C LYS C 138 -10.70 -2.24 -18.48
N GLN C 139 -11.05 -1.48 -17.44
CA GLN C 139 -12.45 -1.25 -17.13
C GLN C 139 -13.11 -0.69 -18.38
N TYR C 140 -12.55 0.41 -18.89
CA TYR C 140 -13.04 1.06 -20.10
C TYR C 140 -13.37 0.07 -21.22
N ASN C 141 -12.40 -0.78 -21.56
CA ASN C 141 -12.57 -1.78 -22.61
C ASN C 141 -13.77 -2.67 -22.42
N HIS C 142 -13.90 -3.24 -21.23
CA HIS C 142 -15.01 -4.12 -20.89
C HIS C 142 -16.32 -3.45 -21.30
N PHE C 143 -16.53 -2.23 -20.79
CA PHE C 143 -17.72 -1.47 -21.12
C PHE C 143 -17.90 -1.48 -22.64
N LYS C 144 -16.90 -0.98 -23.36
CA LYS C 144 -16.94 -0.93 -24.81
C LYS C 144 -17.41 -2.23 -25.43
N GLN C 145 -16.69 -3.31 -25.12
CA GLN C 145 -17.00 -4.63 -25.64
C GLN C 145 -18.29 -5.27 -25.12
N ASN C 146 -19.01 -4.58 -24.23
CA ASN C 146 -20.26 -5.13 -23.71
C ASN C 146 -21.40 -4.14 -23.54
N CYS C 147 -21.18 -2.89 -23.93
CA CYS C 147 -22.22 -1.89 -23.77
C CYS C 147 -23.37 -2.05 -24.76
N ASP C 148 -23.11 -2.75 -25.87
CA ASP C 148 -24.10 -2.97 -26.92
C ASP C 148 -25.45 -3.48 -26.41
N LYS C 149 -25.41 -4.58 -25.67
CA LYS C 149 -26.60 -5.23 -25.12
C LYS C 149 -27.39 -4.37 -24.13
N ILE C 150 -26.77 -3.29 -23.68
CA ILE C 150 -27.41 -2.41 -22.72
C ILE C 150 -28.21 -1.24 -23.31
N ILE C 151 -29.30 -0.92 -22.63
CA ILE C 151 -30.20 0.18 -22.97
C ILE C 151 -30.24 1.01 -21.69
N PHE C 152 -29.70 2.22 -21.69
CA PHE C 152 -29.70 3.00 -20.46
C PHE C 152 -30.95 3.81 -20.24
N SER C 153 -31.15 4.23 -18.99
CA SER C 153 -32.29 5.03 -18.58
C SER C 153 -31.89 5.72 -17.30
N SER C 154 -32.30 6.96 -17.14
CA SER C 154 -31.94 7.72 -15.96
C SER C 154 -33.17 7.94 -15.08
N LEU C 155 -34.02 6.91 -15.05
CA LEU C 155 -35.25 6.97 -14.28
C LEU C 155 -35.12 6.52 -12.83
N HIS C 156 -36.07 6.97 -12.02
CA HIS C 156 -36.18 6.62 -10.62
C HIS C 156 -37.02 5.34 -10.65
N PHE C 157 -36.51 4.26 -10.07
CA PHE C 157 -37.19 2.96 -10.05
C PHE C 157 -38.71 3.04 -9.97
N LYS C 158 -39.20 4.09 -9.31
CA LYS C 158 -40.62 4.32 -9.16
C LYS C 158 -41.32 4.15 -10.52
N ASP C 159 -40.94 5.01 -11.47
CA ASP C 159 -41.52 5.02 -12.80
C ASP C 159 -40.64 4.36 -13.85
N VAL C 160 -40.56 3.03 -13.80
CA VAL C 160 -39.75 2.28 -14.76
C VAL C 160 -40.60 1.12 -15.26
N LYS C 161 -41.05 1.21 -16.50
CA LYS C 161 -41.88 0.15 -17.05
C LYS C 161 -41.19 -1.21 -17.00
N ILE C 162 -41.74 -2.10 -16.19
CA ILE C 162 -41.22 -3.45 -16.04
C ILE C 162 -42.05 -4.33 -16.96
N LEU C 163 -41.52 -4.63 -18.13
CA LEU C 163 -42.20 -5.43 -19.13
C LEU C 163 -42.03 -6.94 -18.91
N ASP C 164 -43.08 -7.56 -18.37
CA ASP C 164 -43.17 -8.98 -18.07
C ASP C 164 -42.06 -9.86 -18.63
N GLY C 165 -41.73 -10.92 -17.92
CA GLY C 165 -40.69 -11.82 -18.40
C GLY C 165 -39.31 -11.24 -18.27
N ASP C 166 -39.13 -10.30 -17.35
CA ASP C 166 -37.83 -9.70 -17.14
C ASP C 166 -37.40 -9.85 -15.68
N PHE C 167 -36.12 -10.16 -15.47
CA PHE C 167 -35.56 -10.31 -14.14
C PHE C 167 -35.20 -8.93 -13.66
N VAL C 168 -35.47 -8.62 -12.39
CA VAL C 168 -35.18 -7.28 -11.90
C VAL C 168 -34.18 -7.20 -10.74
N TYR C 169 -32.90 -7.33 -11.05
CA TYR C 169 -31.90 -7.25 -9.99
C TYR C 169 -31.94 -5.85 -9.41
N VAL C 170 -32.01 -5.75 -8.09
CA VAL C 170 -32.06 -4.46 -7.44
C VAL C 170 -31.14 -4.31 -6.23
N ASP C 171 -30.07 -3.53 -6.40
CA ASP C 171 -29.14 -3.28 -5.33
C ASP C 171 -29.25 -1.83 -4.94
N PRO C 172 -30.29 -1.46 -4.17
CA PRO C 172 -30.53 -0.08 -3.70
C PRO C 172 -29.58 0.37 -2.62
N PRO C 173 -29.58 1.66 -2.29
CA PRO C 173 -28.70 2.15 -1.24
C PRO C 173 -29.01 1.38 0.04
N TYR C 174 -27.98 0.86 0.69
CA TYR C 174 -28.21 0.13 1.92
C TYR C 174 -28.59 1.13 3.02
N LEU C 175 -29.83 1.03 3.49
CA LEU C 175 -30.36 1.92 4.52
C LEU C 175 -29.38 2.06 5.68
N ILE C 176 -28.85 0.93 6.15
CA ILE C 176 -27.92 0.95 7.26
C ILE C 176 -26.44 0.98 6.83
N THR C 177 -26.12 1.76 5.79
CA THR C 177 -24.74 1.86 5.32
C THR C 177 -24.44 3.24 4.80
N VAL C 178 -23.17 3.65 4.91
CA VAL C 178 -22.70 4.95 4.45
C VAL C 178 -22.32 4.84 2.98
N ALA C 179 -22.50 5.93 2.24
CA ALA C 179 -22.19 6.00 0.82
C ALA C 179 -22.87 7.21 0.24
N ASP C 180 -22.18 7.91 -0.65
CA ASP C 180 -22.71 9.10 -1.28
C ASP C 180 -24.18 9.03 -1.65
N TYR C 181 -24.58 7.95 -2.33
CA TYR C 181 -25.97 7.82 -2.76
C TYR C 181 -27.00 7.61 -1.68
N ASN C 182 -26.57 7.43 -0.44
CA ASN C 182 -27.53 7.27 0.63
C ASN C 182 -28.22 8.61 0.85
N LYS C 183 -27.78 9.63 0.12
CA LYS C 183 -28.35 10.96 0.22
C LYS C 183 -29.64 10.99 -0.59
N PHE C 184 -29.88 9.92 -1.34
CA PHE C 184 -31.07 9.81 -2.16
C PHE C 184 -32.13 8.98 -1.46
N TRP C 185 -31.69 8.13 -0.54
CA TRP C 185 -32.60 7.25 0.18
C TRP C 185 -33.26 7.86 1.38
N SER C 186 -34.41 7.27 1.73
CA SER C 186 -35.23 7.67 2.85
C SER C 186 -35.97 6.39 3.27
N GLU C 187 -36.40 6.33 4.53
CA GLU C 187 -37.12 5.16 5.01
C GLU C 187 -38.32 4.90 4.11
N ASP C 188 -38.97 5.97 3.68
CA ASP C 188 -40.13 5.86 2.80
C ASP C 188 -39.78 5.06 1.55
N GLU C 189 -38.73 5.47 0.85
CA GLU C 189 -38.30 4.79 -0.36
C GLU C 189 -38.19 3.28 -0.07
N GLU C 190 -37.57 2.93 1.06
CA GLU C 190 -37.45 1.54 1.44
C GLU C 190 -38.83 0.89 1.33
N LYS C 191 -39.81 1.46 2.02
CA LYS C 191 -41.17 0.94 1.98
C LYS C 191 -41.62 0.78 0.53
N ASP C 192 -41.73 1.91 -0.18
CA ASP C 192 -42.15 1.92 -1.59
C ASP C 192 -41.51 0.78 -2.36
N LEU C 193 -40.19 0.79 -2.46
CA LEU C 193 -39.47 -0.23 -3.19
C LEU C 193 -40.02 -1.63 -2.90
N LEU C 194 -40.01 -2.00 -1.62
CA LEU C 194 -40.51 -3.30 -1.17
C LEU C 194 -41.90 -3.57 -1.73
N ASN C 195 -42.81 -2.62 -1.52
CA ASN C 195 -44.16 -2.79 -2.05
C ASN C 195 -43.96 -3.12 -3.52
N LEU C 196 -43.38 -2.14 -4.22
CA LEU C 196 -43.07 -2.22 -5.65
C LEU C 196 -42.48 -3.57 -6.02
N LEU C 197 -41.84 -4.21 -5.05
CA LEU C 197 -41.27 -5.52 -5.27
C LEU C 197 -42.33 -6.62 -5.11
N ASP C 198 -43.02 -6.60 -3.98
CA ASP C 198 -44.07 -7.57 -3.73
C ASP C 198 -44.92 -7.59 -4.99
N SER C 199 -45.18 -6.40 -5.52
CA SER C 199 -45.99 -6.21 -6.73
C SER C 199 -45.47 -6.97 -7.95
N LEU C 200 -44.15 -6.96 -8.13
CA LEU C 200 -43.60 -7.68 -9.27
C LEU C 200 -43.75 -9.17 -9.03
N ASN C 201 -43.78 -9.57 -7.77
CA ASN C 201 -43.93 -10.98 -7.42
C ASN C 201 -45.35 -11.40 -7.77
N ASP C 202 -46.27 -10.45 -7.66
CA ASP C 202 -47.68 -10.69 -7.95
C ASP C 202 -47.96 -10.88 -9.44
N ARG C 203 -46.93 -10.76 -10.28
CA ARG C 203 -47.12 -10.93 -11.71
C ARG C 203 -46.25 -12.06 -12.28
N GLY C 204 -45.75 -12.92 -11.39
CA GLY C 204 -44.91 -14.03 -11.83
C GLY C 204 -43.49 -13.55 -12.06
N ILE C 205 -43.37 -12.23 -12.24
CA ILE C 205 -42.09 -11.57 -12.47
C ILE C 205 -41.13 -11.79 -11.30
N LYS C 206 -40.10 -12.59 -11.52
CA LYS C 206 -39.12 -12.87 -10.47
C LYS C 206 -38.13 -11.74 -10.36
N PHE C 207 -37.44 -11.67 -9.23
CA PHE C 207 -36.47 -10.61 -9.04
C PHE C 207 -35.35 -11.02 -8.09
N GLY C 208 -34.32 -10.19 -8.05
CA GLY C 208 -33.17 -10.44 -7.20
C GLY C 208 -33.00 -9.22 -6.32
N GLN C 209 -32.49 -9.40 -5.12
CA GLN C 209 -32.36 -8.27 -4.22
C GLN C 209 -31.19 -8.41 -3.25
N SER C 210 -30.28 -7.43 -3.27
CA SER C 210 -29.14 -7.47 -2.37
C SER C 210 -29.23 -6.40 -1.31
N ASN C 211 -28.71 -6.68 -0.13
CA ASN C 211 -28.79 -5.73 0.95
C ASN C 211 -28.06 -6.25 2.18
N VAL C 212 -28.11 -5.47 3.26
CA VAL C 212 -27.52 -5.88 4.52
C VAL C 212 -28.67 -5.85 5.51
N LEU C 213 -28.82 -6.93 6.27
CA LEU C 213 -29.88 -7.06 7.26
C LEU C 213 -29.43 -6.48 8.59
N GLU C 214 -28.13 -6.61 8.87
CA GLU C 214 -27.54 -6.07 10.08
C GLU C 214 -26.05 -5.83 9.86
N HIS C 215 -25.63 -4.59 10.12
CA HIS C 215 -24.25 -4.17 9.91
C HIS C 215 -23.91 -3.05 10.92
N HIS C 216 -22.79 -3.21 11.62
CA HIS C 216 -22.33 -2.23 12.61
C HIS C 216 -23.39 -1.81 13.63
N GLY C 217 -23.77 -2.77 14.48
CA GLY C 217 -24.77 -2.49 15.50
C GLY C 217 -26.16 -2.47 14.92
N LYS C 218 -26.41 -1.55 13.98
CA LYS C 218 -27.73 -1.44 13.38
C LYS C 218 -28.14 -2.66 12.57
N GLU C 219 -29.42 -2.70 12.25
CA GLU C 219 -30.04 -3.77 11.49
C GLU C 219 -31.25 -3.19 10.77
N ASN C 220 -31.62 -3.80 9.65
CA ASN C 220 -32.77 -3.30 8.91
C ASN C 220 -34.00 -4.01 9.41
N THR C 221 -34.49 -3.56 10.56
CA THR C 221 -35.65 -4.19 11.19
C THR C 221 -36.69 -4.60 10.16
N LEU C 222 -37.41 -3.56 9.74
CA LEU C 222 -38.51 -3.71 8.82
C LEU C 222 -38.23 -4.59 7.62
N LEU C 223 -36.99 -4.57 7.12
CA LEU C 223 -36.62 -5.38 5.98
C LEU C 223 -36.34 -6.80 6.44
N LYS C 224 -35.68 -6.93 7.59
CA LYS C 224 -35.36 -8.25 8.12
C LYS C 224 -36.64 -9.12 8.15
N GLU C 225 -37.75 -8.49 8.51
CA GLU C 225 -39.02 -9.20 8.56
C GLU C 225 -39.54 -9.47 7.17
N TRP C 226 -39.66 -8.39 6.39
CA TRP C 226 -40.16 -8.50 5.00
C TRP C 226 -39.49 -9.63 4.20
N SER C 227 -38.22 -9.91 4.51
CA SER C 227 -37.45 -10.94 3.81
C SER C 227 -37.95 -12.36 4.02
N LYS C 228 -38.38 -12.66 5.23
CA LYS C 228 -38.87 -14.00 5.58
C LYS C 228 -39.81 -14.53 4.52
N LYS C 229 -40.71 -13.68 4.05
CA LYS C 229 -41.72 -14.03 3.03
C LYS C 229 -41.08 -14.63 1.78
N TYR C 230 -39.77 -14.42 1.63
CA TYR C 230 -39.02 -14.92 0.47
C TYR C 230 -37.71 -15.58 0.87
N ASN C 231 -37.00 -16.10 -0.13
CA ASN C 231 -35.71 -16.75 0.08
C ASN C 231 -34.61 -15.74 0.40
N VAL C 232 -33.62 -16.16 1.18
CA VAL C 232 -32.52 -15.27 1.49
C VAL C 232 -31.23 -16.06 1.49
N LYS C 233 -30.22 -15.51 0.83
CA LYS C 233 -28.91 -16.14 0.74
C LYS C 233 -27.95 -15.29 1.57
N HIS C 234 -26.95 -15.91 2.18
CA HIS C 234 -25.96 -15.21 3.00
C HIS C 234 -24.58 -15.42 2.38
N LEU C 235 -23.91 -14.33 2.01
CA LEU C 235 -22.60 -14.43 1.38
C LEU C 235 -21.50 -13.67 2.12
N GLU C 254 -24.54 -9.25 4.21
CA GLU C 254 -24.90 -9.32 2.79
C GLU C 254 -25.81 -10.51 2.50
N VAL C 255 -26.99 -10.19 1.97
CA VAL C 255 -27.97 -11.20 1.64
C VAL C 255 -28.63 -10.90 0.31
N TYR C 256 -28.95 -11.96 -0.41
CA TYR C 256 -29.63 -11.84 -1.68
C TYR C 256 -31.04 -12.38 -1.42
N ILE C 257 -32.01 -11.47 -1.34
CA ILE C 257 -33.39 -11.86 -1.07
C ILE C 257 -34.12 -11.99 -2.40
N PHE C 258 -34.21 -13.21 -2.92
CA PHE C 258 -34.87 -13.42 -4.20
C PHE C 258 -36.18 -14.19 -4.13
N ASN C 259 -37.07 -13.93 -5.09
CA ASN C 259 -38.37 -14.61 -5.15
C ASN C 259 -38.48 -15.49 -6.40
N MET D 1 15.90 -5.75 0.56
CA MET D 1 14.54 -5.97 1.15
C MET D 1 14.52 -5.78 2.66
N LEU D 2 13.95 -6.74 3.39
CA LEU D 2 13.84 -6.67 4.85
C LEU D 2 15.11 -6.85 5.64
N GLY D 3 15.41 -5.91 6.53
CA GLY D 3 16.63 -5.99 7.33
C GLY D 3 16.39 -6.80 8.58
N ALA D 4 17.37 -6.86 9.48
CA ALA D 4 17.18 -7.63 10.70
C ALA D 4 16.53 -6.79 11.80
N ILE D 5 16.86 -5.51 11.84
CA ILE D 5 16.32 -4.61 12.86
C ILE D 5 16.20 -3.21 12.29
N ALA D 6 15.24 -2.44 12.81
CA ALA D 6 15.06 -1.08 12.33
C ALA D 6 16.41 -0.39 12.53
N TYR D 7 16.96 0.13 11.44
CA TYR D 7 18.26 0.80 11.52
C TYR D 7 18.26 2.11 10.75
N THR D 8 18.56 3.20 11.46
CA THR D 8 18.60 4.52 10.88
C THR D 8 19.47 4.50 9.64
N GLY D 9 18.89 4.75 8.47
CA GLY D 9 19.69 4.75 7.26
C GLY D 9 19.89 3.35 6.71
N ASN D 10 18.90 2.50 6.94
CA ASN D 10 18.95 1.14 6.43
C ASN D 10 19.01 1.27 4.90
N LYS D 11 19.13 0.14 4.20
CA LYS D 11 19.17 0.16 2.75
C LYS D 11 18.06 -0.74 2.24
N GLN D 12 16.98 -0.85 3.01
CA GLN D 12 15.88 -1.71 2.65
C GLN D 12 15.24 -1.30 1.33
N SER D 13 15.49 -0.07 0.90
CA SER D 13 14.92 0.41 -0.35
C SER D 13 15.89 0.48 -1.53
N LEU D 14 17.07 1.05 -1.30
CA LEU D 14 18.05 1.20 -2.36
C LEU D 14 18.66 -0.11 -2.82
N LEU D 15 18.90 -1.01 -1.86
CA LEU D 15 19.50 -2.30 -2.16
C LEU D 15 19.23 -2.76 -3.59
N PRO D 16 17.94 -2.99 -3.96
CA PRO D 16 17.67 -3.43 -5.33
C PRO D 16 18.51 -2.66 -6.34
N GLU D 17 18.36 -1.33 -6.36
CA GLU D 17 19.13 -0.50 -7.28
C GLU D 17 20.60 -0.88 -7.20
N LEU D 18 21.15 -0.76 -6.00
CA LEU D 18 22.54 -1.08 -5.76
C LEU D 18 22.92 -2.45 -6.36
N LYS D 19 22.08 -3.47 -6.17
CA LYS D 19 22.39 -4.79 -6.69
C LYS D 19 22.46 -4.81 -8.21
N SER D 20 21.83 -3.81 -8.81
CA SER D 20 21.84 -3.68 -10.26
C SER D 20 23.23 -3.21 -10.70
N HIS D 21 24.06 -2.82 -9.73
CA HIS D 21 25.41 -2.33 -10.02
C HIS D 21 26.52 -3.15 -9.37
N PHE D 22 26.21 -4.36 -8.92
CA PHE D 22 27.21 -5.18 -8.27
C PHE D 22 27.85 -6.20 -9.21
N PRO D 23 29.09 -6.61 -8.92
CA PRO D 23 29.90 -7.58 -9.67
C PRO D 23 29.83 -8.99 -9.05
N LYS D 24 30.72 -9.88 -9.49
CA LYS D 24 30.78 -11.23 -8.93
C LYS D 24 31.78 -11.09 -7.79
N TYR D 25 31.92 -12.11 -6.95
CA TYR D 25 32.86 -12.04 -5.84
C TYR D 25 32.83 -13.31 -5.00
N ASN D 26 34.00 -13.72 -4.51
CA ASN D 26 34.11 -14.92 -3.70
C ASN D 26 33.57 -14.68 -2.30
N ARG D 27 33.50 -13.42 -1.90
CA ARG D 27 33.02 -13.08 -0.56
C ARG D 27 32.52 -11.65 -0.44
N PHE D 28 31.28 -11.48 -0.01
CA PHE D 28 30.72 -10.14 0.17
C PHE D 28 31.15 -9.65 1.54
N VAL D 29 31.89 -8.56 1.57
CA VAL D 29 32.35 -8.03 2.83
C VAL D 29 31.67 -6.68 3.12
N ASP D 30 30.60 -6.76 3.91
CA ASP D 30 29.84 -5.59 4.31
C ASP D 30 30.63 -4.94 5.41
N LEU D 31 31.34 -3.86 5.11
CA LEU D 31 32.14 -3.17 6.12
C LEU D 31 31.32 -2.47 7.19
N PHE D 32 30.14 -2.00 6.82
CA PHE D 32 29.26 -1.34 7.77
C PHE D 32 27.91 -1.99 7.53
N CYS D 33 27.59 -2.97 8.36
CA CYS D 33 26.36 -3.72 8.24
C CYS D 33 25.19 -3.20 9.07
N GLY D 34 25.49 -2.67 10.26
CA GLY D 34 24.44 -2.15 11.12
C GLY D 34 23.19 -3.01 11.09
N GLY D 35 22.10 -2.43 10.59
CA GLY D 35 20.83 -3.14 10.52
C GLY D 35 20.87 -4.52 9.89
N LEU D 36 21.73 -4.69 8.90
CA LEU D 36 21.91 -5.94 8.14
C LEU D 36 21.01 -6.09 6.90
N SER D 37 20.19 -5.08 6.64
CA SER D 37 19.31 -5.12 5.48
C SER D 37 20.12 -5.46 4.22
N VAL D 38 21.42 -5.18 4.24
CA VAL D 38 22.25 -5.47 3.07
C VAL D 38 22.89 -6.87 3.05
N SER D 39 23.42 -7.31 4.20
CA SER D 39 24.03 -8.63 4.29
C SER D 39 23.03 -9.76 4.07
N LEU D 40 21.99 -9.81 4.88
CA LEU D 40 21.01 -10.86 4.75
C LEU D 40 20.50 -11.03 3.32
N ASN D 41 20.46 -9.94 2.55
CA ASN D 41 19.91 -10.02 1.20
C ASN D 41 20.87 -10.03 0.02
N VAL D 42 22.09 -10.50 0.23
CA VAL D 42 23.07 -10.55 -0.86
C VAL D 42 23.76 -11.91 -0.90
N ASN D 43 23.72 -12.60 -2.02
CA ASN D 43 24.37 -13.92 -2.16
C ASN D 43 25.68 -13.96 -1.38
N GLY D 44 25.88 -15.00 -0.57
CA GLY D 44 27.08 -15.10 0.23
C GLY D 44 28.27 -15.65 -0.52
N PRO D 45 29.36 -15.99 0.21
CA PRO D 45 29.52 -15.84 1.66
C PRO D 45 29.61 -14.36 2.02
N VAL D 46 29.13 -14.00 3.20
CA VAL D 46 29.14 -12.62 3.63
C VAL D 46 29.88 -12.39 4.93
N LEU D 47 30.65 -11.31 4.97
CA LEU D 47 31.35 -10.95 6.18
C LEU D 47 30.66 -9.70 6.70
N ALA D 48 29.68 -9.89 7.56
CA ALA D 48 28.96 -8.77 8.13
C ALA D 48 29.87 -8.18 9.19
N ASN D 49 30.17 -6.89 9.07
CA ASN D 49 31.01 -6.23 10.05
C ASN D 49 30.47 -4.88 10.49
N ASP D 50 30.71 -4.56 11.75
CA ASP D 50 30.28 -3.28 12.29
C ASP D 50 31.14 -3.05 13.51
N ILE D 51 31.57 -1.81 13.69
CA ILE D 51 32.44 -1.46 14.78
C ILE D 51 31.75 -1.46 16.11
N GLN D 52 30.53 -1.97 16.18
CA GLN D 52 29.83 -1.96 17.46
C GLN D 52 29.59 -3.36 17.98
N GLU D 53 30.52 -3.82 18.82
CA GLU D 53 30.44 -5.14 19.44
C GLU D 53 29.01 -5.51 19.88
N PRO D 54 28.41 -4.69 20.77
CA PRO D 54 27.06 -4.96 21.27
C PRO D 54 26.04 -5.44 20.26
N ILE D 55 25.91 -4.72 19.15
CA ILE D 55 24.93 -5.10 18.16
C ILE D 55 25.34 -6.31 17.36
N ILE D 56 26.65 -6.50 17.21
CA ILE D 56 27.17 -7.66 16.50
C ILE D 56 26.91 -8.88 17.37
N GLU D 57 27.21 -8.76 18.66
CA GLU D 57 27.00 -9.83 19.64
C GLU D 57 25.54 -10.23 19.57
N MET D 58 24.67 -9.24 19.67
CA MET D 58 23.24 -9.48 19.63
C MET D 58 22.96 -10.36 18.44
N TYR D 59 23.62 -10.05 17.34
CA TYR D 59 23.44 -10.84 16.13
C TYR D 59 23.94 -12.26 16.38
N LYS D 60 25.16 -12.35 16.92
CA LYS D 60 25.77 -13.65 17.19
C LYS D 60 24.89 -14.54 18.06
N ARG D 61 24.19 -13.92 19.01
CA ARG D 61 23.30 -14.67 19.89
C ARG D 61 22.01 -14.98 19.16
N LEU D 62 21.49 -13.97 18.47
CA LEU D 62 20.25 -14.15 17.72
C LEU D 62 20.33 -15.44 16.95
N ILE D 63 21.54 -15.78 16.52
CA ILE D 63 21.75 -17.00 15.76
C ILE D 63 21.05 -18.20 16.35
N ASN D 64 21.37 -18.53 17.60
CA ASN D 64 20.74 -19.66 18.28
C ASN D 64 19.70 -19.22 19.32
N VAL D 65 18.62 -18.62 18.83
CA VAL D 65 17.53 -18.14 19.66
C VAL D 65 16.25 -18.31 18.84
N SER D 66 15.13 -18.55 19.53
CA SER D 66 13.84 -18.73 18.88
C SER D 66 12.94 -17.55 19.19
N TRP D 67 11.86 -17.38 18.44
CA TRP D 67 10.96 -16.28 18.71
C TRP D 67 10.42 -16.49 20.13
N ASP D 68 10.02 -17.73 20.41
CA ASP D 68 9.48 -18.07 21.71
C ASP D 68 10.43 -17.59 22.78
N ASP D 69 11.72 -17.65 22.51
CA ASP D 69 12.72 -17.18 23.46
C ASP D 69 12.46 -15.71 23.75
N VAL D 70 12.31 -14.93 22.69
CA VAL D 70 12.07 -13.50 22.83
C VAL D 70 10.85 -13.26 23.69
N LEU D 71 9.71 -13.84 23.32
CA LEU D 71 8.48 -13.67 24.10
C LEU D 71 8.67 -14.01 25.59
N LYS D 72 9.31 -15.12 25.91
CA LYS D 72 9.52 -15.47 27.31
C LYS D 72 10.15 -14.31 28.09
N VAL D 73 10.91 -13.46 27.41
CA VAL D 73 11.55 -12.32 28.06
C VAL D 73 10.52 -11.22 28.26
N ILE D 74 9.69 -10.99 27.26
CA ILE D 74 8.68 -9.98 27.36
C ILE D 74 7.72 -10.29 28.50
N LYS D 75 7.30 -11.54 28.61
CA LYS D 75 6.40 -11.92 29.70
C LYS D 75 7.16 -11.94 31.03
N GLN D 76 8.45 -12.22 30.96
CA GLN D 76 9.26 -12.26 32.17
C GLN D 76 9.29 -10.90 32.84
N TYR D 77 9.37 -9.85 32.02
CA TYR D 77 9.42 -8.49 32.55
C TYR D 77 8.09 -7.75 32.51
N LYS D 78 7.09 -8.40 31.95
CA LYS D 78 5.77 -7.81 31.83
C LYS D 78 5.88 -6.54 31.00
N LEU D 79 6.50 -6.65 29.83
CA LEU D 79 6.64 -5.49 28.95
C LEU D 79 5.36 -5.27 28.17
N SER D 80 5.19 -4.06 27.64
CA SER D 80 4.01 -3.69 26.86
C SER D 80 4.13 -2.25 26.36
N LYS D 81 3.08 -1.79 25.68
CA LYS D 81 2.98 -0.44 25.11
C LYS D 81 3.14 0.69 26.14
N THR D 82 2.78 0.39 27.39
CA THR D 82 2.83 1.38 28.47
C THR D 82 3.76 1.05 29.64
N SER D 83 4.27 -0.17 29.67
CA SER D 83 5.18 -0.60 30.73
C SER D 83 6.46 0.23 30.67
N LYS D 84 6.52 1.28 31.49
CA LYS D 84 7.66 2.16 31.53
C LYS D 84 8.70 1.73 32.56
N GLU D 85 8.24 1.36 33.75
CA GLU D 85 9.16 0.95 34.79
C GLU D 85 9.92 -0.27 34.30
N GLU D 86 9.15 -1.27 33.89
CA GLU D 86 9.67 -2.53 33.38
C GLU D 86 10.81 -2.29 32.40
N PHE D 87 10.52 -1.51 31.36
CA PHE D 87 11.53 -1.18 30.36
C PHE D 87 12.79 -0.71 31.07
N LEU D 88 12.62 0.25 31.98
CA LEU D 88 13.77 0.74 32.71
C LEU D 88 14.47 -0.44 33.32
N LYS D 89 13.74 -1.24 34.09
CA LYS D 89 14.33 -2.41 34.74
C LYS D 89 15.01 -3.30 33.74
N LEU D 90 14.32 -3.59 32.64
CA LEU D 90 14.93 -4.44 31.61
C LEU D 90 16.21 -3.78 31.17
N ARG D 91 16.16 -2.46 30.94
CA ARG D 91 17.36 -1.73 30.53
C ARG D 91 18.38 -1.84 31.65
N GLU D 92 17.91 -1.58 32.85
CA GLU D 92 18.72 -1.67 34.05
C GLU D 92 19.54 -2.97 34.03
N ASP D 93 18.83 -4.07 33.82
CA ASP D 93 19.45 -5.38 33.78
C ASP D 93 20.46 -5.53 32.64
N TYR D 94 20.08 -5.13 31.43
CA TYR D 94 20.99 -5.28 30.30
C TYR D 94 22.27 -4.54 30.56
N ASN D 95 22.17 -3.38 31.17
CA ASN D 95 23.36 -2.62 31.44
C ASN D 95 24.28 -3.42 32.36
N LYS D 96 23.73 -3.97 33.43
CA LYS D 96 24.53 -4.75 34.38
C LYS D 96 25.07 -6.06 33.81
N THR D 97 24.17 -6.93 33.36
CA THR D 97 24.55 -8.23 32.82
C THR D 97 25.07 -8.25 31.39
N ARG D 98 24.72 -7.26 30.58
CA ARG D 98 25.15 -7.23 29.19
C ARG D 98 24.82 -8.50 28.39
N ASP D 99 23.62 -9.05 28.57
CA ASP D 99 23.22 -10.23 27.82
C ASP D 99 22.64 -9.74 26.49
N PRO D 100 23.22 -10.16 25.37
CA PRO D 100 22.72 -9.72 24.05
C PRO D 100 21.20 -9.81 23.93
N LEU D 101 20.67 -11.01 24.16
CA LEU D 101 19.23 -11.22 24.05
C LEU D 101 18.46 -10.13 24.74
N LEU D 102 18.91 -9.74 25.92
CA LEU D 102 18.23 -8.68 26.65
C LEU D 102 18.20 -7.45 25.77
N LEU D 103 19.37 -7.08 25.26
CA LEU D 103 19.47 -5.93 24.38
C LEU D 103 18.49 -6.10 23.24
N TYR D 104 18.45 -7.30 22.68
CA TYR D 104 17.56 -7.53 21.56
C TYR D 104 16.12 -7.23 21.96
N VAL D 105 15.68 -7.87 23.02
CA VAL D 105 14.33 -7.66 23.49
C VAL D 105 14.15 -6.20 23.77
N LEU D 106 15.22 -5.60 24.29
CA LEU D 106 15.19 -4.19 24.63
C LEU D 106 14.71 -3.28 23.50
N HIS D 107 15.58 -3.03 22.54
CA HIS D 107 15.28 -2.10 21.45
C HIS D 107 13.84 -2.09 20.93
N PHE D 108 13.20 -3.24 20.85
CA PHE D 108 11.82 -3.28 20.41
C PHE D 108 10.95 -2.30 21.20
N HIS D 109 11.40 -1.96 22.41
CA HIS D 109 10.66 -1.07 23.31
C HIS D 109 11.26 0.33 23.45
N GLY D 110 12.44 0.52 22.88
CA GLY D 110 13.07 1.83 22.97
C GLY D 110 12.44 2.89 22.08
N PHE D 111 12.69 4.15 22.42
CA PHE D 111 12.15 5.25 21.64
C PHE D 111 12.57 5.15 20.17
N SER D 112 11.64 4.68 19.33
CA SER D 112 11.87 4.54 17.91
C SER D 112 12.75 3.34 17.58
N ASN D 113 12.68 2.32 18.43
CA ASN D 113 13.46 1.09 18.24
C ASN D 113 14.93 1.37 18.06
N MET D 114 15.38 2.53 18.50
CA MET D 114 16.77 2.87 18.31
C MET D 114 17.73 2.40 19.38
N ILE D 115 18.73 1.61 18.99
CA ILE D 115 19.74 1.14 19.93
C ILE D 115 20.77 2.25 20.05
N ARG D 116 20.94 2.78 21.26
CA ARG D 116 21.90 3.83 21.49
C ARG D 116 22.80 3.44 22.65
N ILE D 117 24.00 2.97 22.33
CA ILE D 117 24.98 2.55 23.34
C ILE D 117 26.02 3.63 23.57
N ASN D 118 26.06 4.20 24.76
CA ASN D 118 27.03 5.25 25.03
C ASN D 118 28.44 4.69 25.15
N ASP D 119 29.37 5.57 25.52
CA ASP D 119 30.78 5.18 25.65
C ASP D 119 31.12 4.35 26.88
N LYS D 120 30.12 3.95 27.65
CA LYS D 120 30.39 3.12 28.84
C LYS D 120 29.68 1.78 28.73
N GLY D 121 29.21 1.45 27.54
CA GLY D 121 28.52 0.19 27.31
C GLY D 121 27.05 0.21 27.68
N ASN D 122 26.57 1.31 28.25
CA ASN D 122 25.19 1.39 28.67
C ASN D 122 24.20 1.83 27.58
N PHE D 123 23.00 1.26 27.65
CA PHE D 123 21.91 1.53 26.71
C PHE D 123 21.18 2.75 27.25
N THR D 124 21.16 3.84 26.49
CA THR D 124 20.50 5.05 26.98
C THR D 124 19.16 5.45 26.32
N THR D 125 18.81 4.82 25.21
CA THR D 125 17.55 5.13 24.57
C THR D 125 16.40 5.13 25.58
N PRO D 126 15.53 6.13 25.52
CA PRO D 126 14.40 6.20 26.46
C PRO D 126 13.28 5.27 26.00
N PHE D 127 12.33 5.02 26.90
CA PHE D 127 11.18 4.17 26.60
C PHE D 127 10.43 4.70 25.37
N GLY D 128 10.12 3.80 24.44
CA GLY D 128 9.43 4.21 23.22
C GLY D 128 7.92 4.15 23.28
N LYS D 129 7.35 3.82 24.43
CA LYS D 129 5.91 3.73 24.56
C LYS D 129 5.41 2.86 23.41
N ARG D 130 6.06 1.71 23.28
CA ARG D 130 5.77 0.73 22.24
C ARG D 130 6.17 -0.66 22.70
N THR D 131 6.14 -1.61 21.76
CA THR D 131 6.51 -2.99 22.03
C THR D 131 6.66 -3.67 20.67
N ILE D 132 6.47 -4.97 20.57
CA ILE D 132 6.65 -5.59 19.26
C ILE D 132 5.41 -5.58 18.41
N ASN D 133 5.63 -5.26 17.16
CA ASN D 133 4.59 -5.23 16.18
C ASN D 133 4.68 -6.45 15.29
N LYS D 134 4.12 -6.25 14.10
CA LYS D 134 4.09 -7.25 13.08
C LYS D 134 5.49 -7.40 12.50
N ASN D 135 6.17 -6.31 12.15
CA ASN D 135 7.47 -6.37 11.53
C ASN D 135 8.55 -6.96 12.43
N SER D 136 8.25 -7.01 13.71
CA SER D 136 9.19 -7.54 14.67
C SER D 136 9.47 -9.01 14.37
N GLU D 137 8.42 -9.82 14.25
CA GLU D 137 8.62 -11.25 13.99
C GLU D 137 9.12 -11.49 12.57
N LYS D 138 8.57 -10.74 11.62
CA LYS D 138 8.97 -10.85 10.22
C LYS D 138 10.47 -10.55 10.07
N GLN D 139 10.93 -9.42 10.61
CA GLN D 139 12.36 -9.07 10.53
C GLN D 139 13.17 -10.22 11.12
N TYR D 140 12.81 -10.58 12.34
CA TYR D 140 13.47 -11.66 13.05
C TYR D 140 13.63 -12.89 12.18
N ASN D 141 12.53 -13.38 11.62
CA ASN D 141 12.55 -14.57 10.75
C ASN D 141 13.57 -14.47 9.63
N HIS D 142 13.53 -13.37 8.88
CA HIS D 142 14.46 -13.16 7.77
C HIS D 142 15.88 -13.46 8.24
N PHE D 143 16.30 -12.79 9.30
CA PHE D 143 17.62 -13.02 9.83
C PHE D 143 17.84 -14.51 10.00
N LYS D 144 16.99 -15.15 10.80
CA LYS D 144 17.10 -16.59 11.04
C LYS D 144 17.32 -17.35 9.76
N GLN D 145 16.40 -17.21 8.81
CA GLN D 145 16.48 -17.90 7.54
C GLN D 145 17.62 -17.46 6.60
N ASN D 146 18.40 -16.48 7.00
CA ASN D 146 19.49 -16.01 6.16
C ASN D 146 20.79 -15.71 6.90
N CYS D 147 20.84 -15.93 8.20
CA CYS D 147 22.06 -15.63 8.96
C CYS D 147 23.21 -16.61 8.71
N ASP D 148 22.85 -17.80 8.26
CA ASP D 148 23.82 -18.87 7.99
C ASP D 148 25.02 -18.43 7.16
N LYS D 149 24.75 -17.85 5.98
CA LYS D 149 25.78 -17.39 5.06
C LYS D 149 26.66 -16.29 5.62
N ILE D 150 26.25 -15.70 6.74
CA ILE D 150 27.01 -14.62 7.34
C ILE D 150 28.04 -15.03 8.39
N ILE D 151 29.14 -14.27 8.39
CA ILE D 151 30.25 -14.43 9.31
C ILE D 151 30.39 -13.05 9.93
N PHE D 152 30.07 -12.90 11.22
CA PHE D 152 30.17 -11.57 11.83
C PHE D 152 31.54 -11.23 12.35
N SER D 153 31.77 -9.93 12.54
CA SER D 153 33.02 -9.41 13.05
C SER D 153 32.71 -8.05 13.63
N SER D 154 33.34 -7.72 14.75
CA SER D 154 33.11 -6.45 15.42
C SER D 154 34.30 -5.54 15.25
N LEU D 155 34.92 -5.63 14.08
CA LEU D 155 36.11 -4.85 13.78
C LEU D 155 35.87 -3.48 13.17
N HIS D 156 36.85 -2.61 13.35
CA HIS D 156 36.84 -1.28 12.78
C HIS D 156 37.45 -1.47 11.39
N PHE D 157 36.71 -1.04 10.36
CA PHE D 157 37.15 -1.19 8.96
C PHE D 157 38.66 -1.10 8.76
N LYS D 158 39.31 -0.30 9.59
CA LYS D 158 40.75 -0.10 9.51
C LYS D 158 41.44 -1.47 9.41
N ASP D 159 41.26 -2.28 10.44
CA ASP D 159 41.88 -3.62 10.51
C ASP D 159 40.93 -4.75 10.18
N VAL D 160 40.60 -4.87 8.91
CA VAL D 160 39.70 -5.92 8.45
C VAL D 160 40.32 -6.58 7.22
N LYS D 161 40.81 -7.79 7.39
CA LYS D 161 41.45 -8.49 6.29
C LYS D 161 40.53 -8.64 5.09
N ILE D 162 40.89 -7.96 4.00
CA ILE D 162 40.12 -8.01 2.76
C ILE D 162 40.82 -9.02 1.87
N LEU D 163 40.28 -10.23 1.85
CA LEU D 163 40.84 -11.32 1.07
C LEU D 163 40.37 -11.33 -0.38
N ASP D 164 41.26 -10.88 -1.26
CA ASP D 164 41.07 -10.78 -2.71
C ASP D 164 39.83 -11.46 -3.27
N GLY D 165 39.29 -10.92 -4.34
CA GLY D 165 38.12 -11.54 -4.93
C GLY D 165 36.86 -11.33 -4.10
N ASP D 166 36.85 -10.29 -3.29
CA ASP D 166 35.68 -9.99 -2.47
C ASP D 166 35.18 -8.58 -2.77
N PHE D 167 33.86 -8.43 -2.84
CA PHE D 167 33.23 -7.13 -3.08
C PHE D 167 33.09 -6.47 -1.71
N VAL D 168 33.39 -5.18 -1.64
CA VAL D 168 33.32 -4.50 -0.35
C VAL D 168 32.32 -3.35 -0.23
N TYR D 169 31.04 -3.69 -0.12
CA TYR D 169 30.06 -2.63 0.02
C TYR D 169 30.35 -1.86 1.31
N VAL D 170 30.37 -0.55 1.21
CA VAL D 170 30.65 0.28 2.36
C VAL D 170 29.74 1.49 2.54
N ASP D 171 28.84 1.40 3.52
CA ASP D 171 27.90 2.48 3.82
C ASP D 171 28.28 3.09 5.17
N PRO D 172 29.34 3.91 5.21
CA PRO D 172 29.80 4.55 6.44
C PRO D 172 28.91 5.71 6.88
N PRO D 173 29.13 6.21 8.10
CA PRO D 173 28.32 7.32 8.59
C PRO D 173 28.47 8.48 7.64
N TYR D 174 27.34 9.04 7.21
CA TYR D 174 27.38 10.17 6.29
C TYR D 174 27.89 11.39 7.06
N LEU D 175 29.06 11.87 6.65
CA LEU D 175 29.72 13.02 7.26
C LEU D 175 28.73 14.16 7.43
N ILE D 176 28.00 14.46 6.37
CA ILE D 176 27.02 15.54 6.39
C ILE D 176 25.59 15.08 6.75
N THR D 177 25.47 14.20 7.73
CA THR D 177 24.15 13.72 8.15
C THR D 177 24.12 13.38 9.65
N VAL D 178 22.95 13.56 10.28
CA VAL D 178 22.79 13.27 11.70
C VAL D 178 22.43 11.80 11.85
N ALA D 179 22.81 11.24 12.99
CA ALA D 179 22.55 9.84 13.33
C ALA D 179 23.51 9.42 14.43
N ASP D 180 22.99 8.65 15.37
CA ASP D 180 23.77 8.17 16.52
C ASP D 180 25.21 7.79 16.19
N TYR D 181 25.41 6.97 15.16
CA TYR D 181 26.76 6.56 14.83
C TYR D 181 27.71 7.63 14.27
N ASN D 182 27.19 8.83 14.03
CA ASN D 182 28.05 9.89 13.55
C ASN D 182 28.98 10.32 14.69
N LYS D 183 28.77 9.71 15.86
CA LYS D 183 29.59 10.00 17.03
C LYS D 183 30.89 9.21 16.92
N PHE D 184 30.94 8.32 15.93
CA PHE D 184 32.10 7.49 15.67
C PHE D 184 32.97 8.07 14.57
N TRP D 185 32.36 8.85 13.69
CA TRP D 185 33.05 9.46 12.56
C TRP D 185 33.77 10.77 12.87
N SER D 186 34.78 11.03 12.04
CA SER D 186 35.62 12.20 12.13
C SER D 186 36.09 12.44 10.71
N GLU D 187 36.44 13.68 10.41
CA GLU D 187 36.89 13.98 9.07
C GLU D 187 38.07 13.09 8.71
N ASP D 188 38.92 12.78 9.69
CA ASP D 188 40.08 11.94 9.45
C ASP D 188 39.65 10.58 8.92
N GLU D 189 38.69 9.95 9.59
CA GLU D 189 38.17 8.66 9.19
C GLU D 189 37.80 8.72 7.72
N GLU D 190 37.10 9.79 7.35
CA GLU D 190 36.71 9.98 5.95
C GLU D 190 37.95 9.77 5.08
N LYS D 191 38.99 10.55 5.36
CA LYS D 191 40.23 10.46 4.60
C LYS D 191 40.70 9.00 4.56
N ASP D 192 41.03 8.47 5.74
CA ASP D 192 41.50 7.09 5.85
C ASP D 192 40.71 6.15 4.95
N LEU D 193 39.41 6.04 5.24
CA LEU D 193 38.52 5.17 4.48
C LEU D 193 38.81 5.26 3.00
N LEU D 194 38.67 6.47 2.46
CA LEU D 194 38.90 6.72 1.04
C LEU D 194 40.24 6.15 0.59
N ASN D 195 41.31 6.50 1.29
CA ASN D 195 42.62 5.97 0.96
C ASN D 195 42.41 4.46 0.88
N LEU D 196 42.03 3.91 2.03
CA LEU D 196 41.76 2.49 2.20
C LEU D 196 40.96 1.92 1.06
N LEU D 197 40.19 2.79 0.40
CA LEU D 197 39.39 2.36 -0.73
C LEU D 197 40.22 2.38 -2.01
N ASP D 198 40.86 3.51 -2.27
CA ASP D 198 41.71 3.63 -3.45
C ASP D 198 42.59 2.39 -3.45
N SER D 199 43.09 2.05 -2.26
CA SER D 199 43.96 0.90 -2.10
C SER D 199 43.34 -0.44 -2.55
N LEU D 200 42.07 -0.65 -2.29
CA LEU D 200 41.44 -1.88 -2.72
C LEU D 200 41.29 -1.85 -4.24
N ASN D 201 41.18 -0.64 -4.79
CA ASN D 201 41.07 -0.50 -6.23
C ASN D 201 42.40 -0.89 -6.86
N ASP D 202 43.48 -0.64 -6.13
CA ASP D 202 44.81 -0.95 -6.61
C ASP D 202 45.11 -2.45 -6.65
N ARG D 203 44.16 -3.26 -6.22
CA ARG D 203 44.36 -4.70 -6.23
C ARG D 203 43.31 -5.42 -7.07
N GLY D 204 42.63 -4.66 -7.92
CA GLY D 204 41.62 -5.25 -8.78
C GLY D 204 40.33 -5.43 -8.01
N ILE D 205 40.47 -5.43 -6.69
CA ILE D 205 39.35 -5.58 -5.76
C ILE D 205 38.32 -4.47 -5.96
N LYS D 206 37.17 -4.81 -6.53
CA LYS D 206 36.12 -3.84 -6.75
C LYS D 206 35.35 -3.57 -5.46
N PHE D 207 34.64 -2.46 -5.43
CA PHE D 207 33.85 -2.13 -4.24
C PHE D 207 32.64 -1.27 -4.56
N GLY D 208 31.77 -1.14 -3.55
CA GLY D 208 30.58 -0.33 -3.67
C GLY D 208 30.62 0.72 -2.59
N GLN D 209 30.03 1.88 -2.85
CA GLN D 209 30.12 2.96 -1.87
C GLN D 209 28.88 3.88 -1.88
N SER D 210 28.18 3.97 -0.75
CA SER D 210 27.01 4.85 -0.70
C SER D 210 27.26 6.04 0.20
N ASN D 211 26.69 7.19 -0.15
CA ASN D 211 26.89 8.38 0.63
C ASN D 211 26.01 9.51 0.09
N VAL D 212 26.16 10.69 0.67
CA VAL D 212 25.44 11.87 0.22
C VAL D 212 26.54 12.88 -0.10
N LEU D 213 26.45 13.47 -1.29
CA LEU D 213 27.45 14.44 -1.75
C LEU D 213 27.06 15.83 -1.27
N GLU D 214 25.77 16.07 -1.18
CA GLU D 214 25.24 17.35 -0.71
C GLU D 214 23.83 17.15 -0.16
N HIS D 215 23.64 17.58 1.09
CA HIS D 215 22.38 17.43 1.78
C HIS D 215 22.21 18.57 2.79
N HIS D 216 21.05 19.23 2.76
CA HIS D 216 20.73 20.34 3.65
C HIS D 216 21.81 21.43 3.71
N GLY D 217 21.99 22.15 2.60
CA GLY D 217 22.99 23.19 2.54
C GLY D 217 24.39 22.63 2.38
N LYS D 218 24.82 21.83 3.35
CA LYS D 218 26.15 21.24 3.31
C LYS D 218 26.37 20.28 2.14
N GLU D 219 27.65 19.97 1.91
CA GLU D 219 28.07 19.08 0.86
C GLU D 219 29.39 18.47 1.31
N ASN D 220 29.68 17.26 0.82
CA ASN D 220 30.91 16.56 1.17
C ASN D 220 31.94 16.98 0.15
N THR D 221 32.43 18.21 0.30
CA THR D 221 33.41 18.76 -0.60
C THR D 221 34.50 17.76 -1.00
N LEU D 222 35.40 17.46 -0.06
CA LEU D 222 36.50 16.56 -0.32
C LEU D 222 36.09 15.24 -0.98
N LEU D 223 34.91 14.75 -0.65
CA LEU D 223 34.42 13.49 -1.21
C LEU D 223 33.88 13.74 -2.62
N LYS D 224 33.15 14.84 -2.78
CA LYS D 224 32.58 15.17 -4.08
C LYS D 224 33.66 15.09 -5.15
N GLU D 225 34.86 15.56 -4.82
CA GLU D 225 35.98 15.53 -5.77
C GLU D 225 36.48 14.09 -5.93
N TRP D 226 36.85 13.48 -4.81
CA TRP D 226 37.35 12.12 -4.79
C TRP D 226 36.50 11.16 -5.64
N SER D 227 35.20 11.41 -5.72
CA SER D 227 34.29 10.56 -6.47
C SER D 227 34.51 10.57 -7.98
N LYS D 228 34.83 11.74 -8.52
CA LYS D 228 35.03 11.90 -9.95
C LYS D 228 35.91 10.80 -10.51
N LYS D 229 36.97 10.45 -9.78
CA LYS D 229 37.92 9.41 -10.19
C LYS D 229 37.24 8.05 -10.48
N TYR D 230 36.00 7.92 -10.01
CA TYR D 230 35.20 6.70 -10.18
C TYR D 230 33.79 7.00 -10.65
N ASN D 231 33.02 5.94 -10.88
CA ASN D 231 31.63 6.04 -11.32
C ASN D 231 30.74 6.48 -10.16
N VAL D 232 29.66 7.18 -10.48
CA VAL D 232 28.74 7.61 -9.46
C VAL D 232 27.32 7.48 -9.98
N LYS D 233 26.46 6.88 -9.15
CA LYS D 233 25.06 6.71 -9.52
C LYS D 233 24.24 7.62 -8.61
N HIS D 234 23.11 8.14 -9.10
CA HIS D 234 22.24 9.04 -8.34
C HIS D 234 20.87 8.40 -8.19
N LEU D 235 20.45 8.18 -6.95
CA LEU D 235 19.16 7.53 -6.70
C LEU D 235 18.19 8.35 -5.88
N GLU D 254 21.95 11.07 -2.49
CA GLU D 254 22.32 9.66 -2.40
C GLU D 254 23.00 9.20 -3.69
N VAL D 255 24.24 8.75 -3.53
CA VAL D 255 25.03 8.29 -4.65
C VAL D 255 25.74 7.01 -4.30
N TYR D 256 25.91 6.16 -5.30
CA TYR D 256 26.64 4.91 -5.13
C TYR D 256 27.91 5.12 -5.96
N ILE D 257 29.03 5.34 -5.28
CA ILE D 257 30.29 5.55 -5.96
C ILE D 257 31.04 4.22 -6.05
N PHE D 258 30.92 3.53 -7.17
CA PHE D 258 31.58 2.23 -7.30
C PHE D 258 32.73 2.22 -8.32
N ASN D 259 33.69 1.33 -8.09
CA ASN D 259 34.84 1.21 -8.99
C ASN D 259 34.84 -0.16 -9.69
#